data_6BVA
#
_entry.id   6BVA
#
_cell.length_a   65.360
_cell.length_b   81.793
_cell.length_c   128.685
_cell.angle_alpha   90.00
_cell.angle_beta   90.00
_cell.angle_gamma   90.00
#
_symmetry.space_group_name_H-M   'P 21 21 21'
#
loop_
_entity.id
_entity.type
_entity.pdbx_description
1 polymer 'S-phase kinase-associated protein 1'
2 polymer 'Lysine-specific demethylase 2B'
3 polymer Polyubiquitin-B
4 water water
#
loop_
_entity_poly.entity_id
_entity_poly.type
_entity_poly.pdbx_seq_one_letter_code
_entity_poly.pdbx_strand_id
1 'polypeptide(L)'
;GAMPSIKLQSSDGEIFEVDVEIAKQSVTIKTMLEDLGMDDEGDDDPVPLPNVNAAILKKVIQWCTHHKDDPPPPEDDENK
EKRTDDIPVWDQEFLKVDQGTLFELILAANYLDIKGLLDVTCKTVANMIKGKTPEEIRKTFNIKNDFTEEEEAQVRKENQ
WCEEK
;
D,C
2 'polypeptide(L)' GAGAAHVMHREVWMAVFSYLSHQDLCVCMRVCRTWNRWCCDKRLWTR E,F
3 'polypeptide(L)'
;GSGMQIFVKTFRDRLRNLLPQTITLEVEPSDTIENVKAKIQDKEGIPPDQQVLIFSRKRLEDGRTLSDYNIQKESTLRLV
LVFGRR
;
B,A
#
# COMPACT_ATOMS: atom_id res chain seq x y z
N ALA A 2 -23.04 -31.56 21.44
CA ALA A 2 -23.46 -30.98 20.17
C ALA A 2 -24.15 -29.62 20.36
N MET A 3 -24.54 -29.00 19.23
CA MET A 3 -25.01 -27.64 19.23
C MET A 3 -26.12 -27.45 18.19
N PRO A 4 -27.18 -26.73 18.54
CA PRO A 4 -28.17 -26.36 17.52
C PRO A 4 -27.47 -25.54 16.44
N SER A 5 -27.79 -25.83 15.19
CA SER A 5 -27.06 -25.24 14.08
C SER A 5 -28.00 -24.83 12.96
N ILE A 6 -27.51 -23.89 12.14
CA ILE A 6 -28.22 -23.35 11.00
C ILE A 6 -27.25 -23.47 9.82
N LYS A 7 -27.81 -23.57 8.61
CA LYS A 7 -27.01 -23.69 7.40
C LYS A 7 -27.13 -22.43 6.58
N LEU A 8 -26.00 -21.85 6.20
CA LEU A 8 -25.94 -20.67 5.35
C LEU A 8 -25.44 -21.05 3.97
N GLN A 9 -26.01 -20.46 2.92
CA GLN A 9 -25.45 -20.64 1.58
C GLN A 9 -24.92 -19.32 1.04
N SER A 10 -23.61 -19.28 0.80
CA SER A 10 -22.98 -18.12 0.17
C SER A 10 -23.54 -17.88 -1.21
N SER A 11 -23.28 -16.68 -1.73
CA SER A 11 -23.82 -16.29 -3.02
C SER A 11 -23.22 -17.09 -4.16
N ASP A 12 -21.97 -17.57 -4.03
CA ASP A 12 -21.37 -18.46 -5.03
C ASP A 12 -21.81 -19.91 -4.82
N GLY A 13 -22.54 -20.19 -3.76
CA GLY A 13 -23.17 -21.48 -3.58
C GLY A 13 -22.58 -22.39 -2.52
N GLU A 14 -21.75 -21.90 -1.61
CA GLU A 14 -21.16 -22.86 -0.70
C GLU A 14 -21.93 -22.88 0.62
N ILE A 15 -22.10 -24.08 1.17
CA ILE A 15 -22.83 -24.25 2.42
C ILE A 15 -21.88 -24.07 3.60
N PHE A 16 -22.32 -23.31 4.59
CA PHE A 16 -21.62 -23.20 5.87
C PHE A 16 -22.60 -23.59 6.96
N GLU A 17 -22.18 -24.43 7.89
CA GLU A 17 -23.01 -24.80 9.01
C GLU A 17 -22.45 -24.15 10.27
N VAL A 18 -23.32 -23.40 10.96
CA VAL A 18 -22.93 -22.47 12.01
C VAL A 18 -23.82 -22.63 13.23
N ASP A 19 -23.25 -22.36 14.39
CA ASP A 19 -24.03 -22.31 15.63
C ASP A 19 -25.11 -21.24 15.53
N VAL A 20 -26.25 -21.52 16.17
CA VAL A 20 -27.36 -20.57 16.22
C VAL A 20 -26.89 -19.25 16.80
N GLU A 21 -26.17 -19.32 17.93
CA GLU A 21 -25.78 -18.10 18.64
C GLU A 21 -24.80 -17.28 17.82
N ILE A 22 -23.94 -17.92 17.03
CA ILE A 22 -23.06 -17.16 16.16
C ILE A 22 -23.85 -16.54 15.02
N ALA A 23 -24.76 -17.30 14.41
CA ALA A 23 -25.48 -16.78 13.26
C ALA A 23 -26.46 -15.69 13.64
N LYS A 24 -27.00 -15.73 14.85
CA LYS A 24 -28.01 -14.74 15.22
C LYS A 24 -27.42 -13.37 15.48
N GLN A 25 -26.09 -13.25 15.47
CA GLN A 25 -25.47 -11.93 15.46
C GLN A 25 -25.82 -11.15 14.20
N SER A 26 -26.23 -11.83 13.14
CA SER A 26 -26.75 -11.19 11.94
C SER A 26 -28.25 -11.02 12.11
N VAL A 27 -28.68 -9.79 12.29
CA VAL A 27 -30.09 -9.53 12.58
C VAL A 27 -30.96 -9.92 11.39
N THR A 28 -30.44 -9.79 10.17
CA THR A 28 -31.16 -10.30 9.00
C THR A 28 -31.32 -11.82 9.06
N ILE A 29 -30.25 -12.53 9.41
CA ILE A 29 -30.36 -13.97 9.53
C ILE A 29 -31.25 -14.34 10.70
N LYS A 30 -31.10 -13.64 11.83
CA LYS A 30 -31.90 -13.97 12.99
C LYS A 30 -33.38 -13.69 12.74
N THR A 31 -33.69 -12.62 11.98
CA THR A 31 -35.08 -12.27 11.70
C THR A 31 -35.76 -13.27 10.77
N MET A 32 -35.09 -13.72 9.71
CA MET A 32 -35.80 -14.62 8.82
C MET A 32 -35.90 -16.04 9.38
N LEU A 33 -35.39 -16.28 10.59
CA LEU A 33 -35.62 -17.54 11.28
C LEU A 33 -36.79 -17.46 12.27
N GLU A 34 -37.34 -16.28 12.51
CA GLU A 34 -38.36 -16.09 13.55
C GLU A 34 -39.74 -15.83 12.98
N ASP A 35 -39.97 -16.08 11.69
CA ASP A 35 -41.29 -15.94 11.08
C ASP A 35 -42.05 -17.27 11.01
N LEU A 36 -41.35 -18.38 10.77
CA LEU A 36 -41.99 -19.70 10.73
C LEU A 36 -40.94 -20.81 10.84
N ASP A 44 -35.06 -26.42 8.01
CA ASP A 44 -33.99 -27.39 7.75
C ASP A 44 -33.09 -26.95 6.59
N ASP A 45 -33.68 -26.20 5.65
CA ASP A 45 -33.01 -25.80 4.41
C ASP A 45 -32.02 -24.66 4.68
N PRO A 46 -31.01 -24.50 3.82
CA PRO A 46 -30.00 -23.47 4.09
C PRO A 46 -30.48 -22.07 3.69
N VAL A 47 -30.06 -21.09 4.48
CA VAL A 47 -30.49 -19.70 4.34
C VAL A 47 -29.65 -19.00 3.27
N PRO A 48 -30.25 -18.57 2.16
CA PRO A 48 -29.47 -17.82 1.16
C PRO A 48 -29.04 -16.47 1.69
N LEU A 49 -27.78 -16.10 1.42
CA LEU A 49 -27.27 -14.79 1.81
C LEU A 49 -26.95 -13.95 0.59
N PRO A 50 -27.48 -12.73 0.51
CA PRO A 50 -27.43 -11.91 -0.71
C PRO A 50 -26.07 -11.26 -0.91
N ASN A 51 -25.45 -11.54 -2.07
CA ASN A 51 -24.14 -10.99 -2.45
C ASN A 51 -23.12 -11.04 -1.32
N VAL A 52 -23.08 -12.15 -0.60
CA VAL A 52 -22.01 -12.47 0.34
C VAL A 52 -21.36 -13.75 -0.16
N ASN A 53 -20.17 -13.64 -0.75
CA ASN A 53 -19.54 -14.85 -1.27
C ASN A 53 -18.89 -15.64 -0.14
N ALA A 54 -18.32 -16.79 -0.51
CA ALA A 54 -17.72 -17.68 0.48
C ALA A 54 -16.54 -17.03 1.18
N ALA A 55 -15.66 -16.36 0.43
CA ALA A 55 -14.49 -15.75 1.05
C ALA A 55 -14.87 -14.68 2.07
N ILE A 56 -15.85 -13.83 1.75
CA ILE A 56 -16.24 -12.79 2.70
C ILE A 56 -17.04 -13.39 3.84
N LEU A 57 -17.91 -14.36 3.53
CA LEU A 57 -18.66 -15.02 4.59
C LEU A 57 -17.73 -15.71 5.59
N LYS A 58 -16.62 -16.27 5.10
CA LYS A 58 -15.63 -16.87 5.98
C LYS A 58 -15.10 -15.86 6.98
N LYS A 59 -14.73 -14.66 6.49
CA LYS A 59 -14.32 -13.59 7.39
C LYS A 59 -15.43 -13.24 8.37
N VAL A 60 -16.66 -13.12 7.87
CA VAL A 60 -17.77 -12.73 8.73
C VAL A 60 -17.98 -13.74 9.85
N ILE A 61 -17.90 -15.05 9.53
CA ILE A 61 -18.07 -16.06 10.58
C ILE A 61 -16.96 -15.95 11.63
N GLN A 62 -15.74 -15.60 11.23
CA GLN A 62 -14.69 -15.38 12.22
C GLN A 62 -15.07 -14.26 13.19
N TRP A 63 -15.50 -13.12 12.64
CA TRP A 63 -15.82 -11.98 13.49
C TRP A 63 -16.96 -12.32 14.44
N CYS A 64 -17.97 -13.04 13.97
CA CYS A 64 -19.15 -13.31 14.79
C CYS A 64 -18.88 -14.31 15.91
N THR A 65 -17.99 -15.29 15.72
CA THR A 65 -17.71 -16.18 16.84
C THR A 65 -16.98 -15.42 17.94
N HIS A 66 -16.12 -14.47 17.56
CA HIS A 66 -15.44 -13.67 18.58
C HIS A 66 -16.42 -12.81 19.37
N HIS A 67 -17.46 -12.30 18.71
CA HIS A 67 -18.40 -11.38 19.34
C HIS A 67 -19.71 -12.05 19.73
N LYS A 68 -19.72 -13.37 19.90
CA LYS A 68 -20.99 -14.08 20.03
C LYS A 68 -21.74 -13.70 21.30
N ASP A 69 -21.03 -13.26 22.33
CA ASP A 69 -21.68 -12.89 23.59
C ASP A 69 -22.08 -11.42 23.63
N ASP A 70 -21.94 -10.71 22.52
CA ASP A 70 -22.36 -9.32 22.47
C ASP A 70 -23.88 -9.23 22.52
N PRO A 71 -24.43 -8.28 23.29
CA PRO A 71 -25.88 -8.13 23.36
C PRO A 71 -26.44 -7.61 22.04
N PRO A 72 -27.75 -7.67 21.84
CA PRO A 72 -28.36 -6.93 20.72
C PRO A 72 -27.91 -5.48 20.76
N PRO A 73 -27.58 -4.89 19.62
CA PRO A 73 -26.92 -3.59 19.62
C PRO A 73 -27.93 -2.46 19.79
N PRO A 74 -27.53 -1.37 20.47
CA PRO A 74 -28.43 -0.22 20.63
C PRO A 74 -28.15 0.89 19.63
N GLU A 75 -29.11 1.79 19.44
CA GLU A 75 -28.94 2.84 18.45
C GLU A 75 -27.89 3.86 18.89
N ASP A 76 -27.33 4.56 17.91
CA ASP A 76 -26.26 5.52 18.16
C ASP A 76 -26.78 6.84 18.70
N ASP A 77 -25.93 7.50 19.49
CA ASP A 77 -26.20 8.82 20.06
C ASP A 77 -27.55 8.91 20.76
N GLU A 81 -21.24 12.38 17.73
CA GLU A 81 -20.73 11.82 18.97
C GLU A 81 -19.86 10.59 18.69
N LYS A 82 -19.60 10.33 17.41
CA LYS A 82 -18.95 9.10 16.99
C LYS A 82 -17.43 9.24 17.05
N ARG A 83 -16.77 8.37 17.81
CA ARG A 83 -15.33 8.34 17.94
C ARG A 83 -14.73 7.22 17.08
N THR A 84 -13.39 7.16 17.06
CA THR A 84 -12.67 6.17 16.27
C THR A 84 -11.44 5.61 16.97
N ASP A 85 -11.02 6.17 18.11
CA ASP A 85 -9.89 5.63 18.85
C ASP A 85 -10.21 4.34 19.59
N ASP A 86 -11.42 3.80 19.48
CA ASP A 86 -11.90 2.77 20.38
C ASP A 86 -12.08 1.41 19.71
N ILE A 87 -11.30 1.13 18.67
CA ILE A 87 -11.38 -0.17 18.00
C ILE A 87 -10.60 -1.17 18.83
N PRO A 88 -11.24 -2.24 19.32
CA PRO A 88 -10.52 -3.22 20.14
C PRO A 88 -9.38 -3.86 19.37
N VAL A 89 -8.36 -4.32 20.12
CA VAL A 89 -7.12 -4.80 19.52
C VAL A 89 -7.38 -5.96 18.57
N TRP A 90 -8.27 -6.88 18.96
CA TRP A 90 -8.55 -8.03 18.10
C TRP A 90 -9.13 -7.60 16.76
N ASP A 91 -9.92 -6.53 16.72
CA ASP A 91 -10.57 -6.13 15.48
C ASP A 91 -9.65 -5.33 14.57
N GLN A 92 -8.59 -4.71 15.11
CA GLN A 92 -7.62 -4.07 14.21
C GLN A 92 -6.74 -5.12 13.56
N GLU A 93 -6.37 -6.17 14.29
CA GLU A 93 -5.61 -7.26 13.69
C GLU A 93 -6.48 -8.05 12.72
N PHE A 94 -7.76 -8.23 13.04
CA PHE A 94 -8.65 -8.97 12.15
C PHE A 94 -8.85 -8.23 10.84
N LEU A 95 -8.83 -6.90 10.85
CA LEU A 95 -9.05 -6.11 9.65
C LEU A 95 -7.75 -5.67 8.99
N LYS A 96 -6.60 -6.15 9.45
CA LYS A 96 -5.35 -5.96 8.70
C LYS A 96 -5.48 -6.81 7.43
N VAL A 97 -6.27 -6.29 6.49
CA VAL A 97 -6.74 -7.05 5.34
C VAL A 97 -6.58 -6.16 4.11
N ASP A 98 -6.55 -6.79 2.93
CA ASP A 98 -6.49 -6.00 1.71
C ASP A 98 -7.78 -5.20 1.53
N GLN A 99 -7.63 -4.03 0.93
CA GLN A 99 -8.64 -2.98 1.06
C GLN A 99 -9.93 -3.33 0.32
N GLY A 100 -9.84 -4.13 -0.75
CA GLY A 100 -11.06 -4.60 -1.40
C GLY A 100 -11.96 -5.36 -0.46
N THR A 101 -11.41 -6.36 0.25
CA THR A 101 -12.22 -7.13 1.17
C THR A 101 -12.74 -6.26 2.32
N LEU A 102 -12.02 -5.20 2.67
CA LEU A 102 -12.51 -4.31 3.72
C LEU A 102 -13.84 -3.70 3.31
N PHE A 103 -13.92 -3.20 2.08
CA PHE A 103 -15.17 -2.65 1.58
C PHE A 103 -16.20 -3.75 1.37
N GLU A 104 -15.77 -4.91 0.85
CA GLU A 104 -16.69 -6.03 0.75
C GLU A 104 -17.23 -6.42 2.12
N LEU A 105 -16.48 -6.15 3.19
CA LEU A 105 -16.96 -6.41 4.55
C LEU A 105 -17.94 -5.33 5.03
N ILE A 106 -17.74 -4.07 4.64
CA ILE A 106 -18.74 -3.06 4.94
C ILE A 106 -20.09 -3.45 4.31
N LEU A 107 -20.06 -3.85 3.04
CA LEU A 107 -21.30 -4.24 2.37
C LEU A 107 -21.92 -5.45 3.05
N ALA A 108 -21.12 -6.46 3.39
CA ALA A 108 -21.67 -7.67 4.00
C ALA A 108 -22.28 -7.37 5.37
N ALA A 109 -21.61 -6.54 6.18
CA ALA A 109 -22.19 -6.14 7.46
C ALA A 109 -23.50 -5.40 7.28
N ASN A 110 -23.61 -4.61 6.22
CA ASN A 110 -24.87 -3.93 5.93
C ASN A 110 -25.95 -4.93 5.54
N TYR A 111 -25.65 -5.81 4.58
CA TYR A 111 -26.66 -6.75 4.06
C TYR A 111 -27.16 -7.70 5.13
N LEU A 112 -26.30 -8.09 6.08
CA LEU A 112 -26.73 -9.01 7.12
C LEU A 112 -27.03 -8.32 8.43
N ASP A 113 -26.88 -7.00 8.47
CA ASP A 113 -27.23 -6.18 9.62
C ASP A 113 -26.45 -6.64 10.86
N ILE A 114 -25.13 -6.54 10.75
CA ILE A 114 -24.24 -6.79 11.87
C ILE A 114 -23.65 -5.44 12.25
N LYS A 115 -24.30 -4.76 13.20
CA LYS A 115 -23.92 -3.38 13.51
C LYS A 115 -22.48 -3.30 13.98
N GLY A 116 -22.06 -4.25 14.82
CA GLY A 116 -20.72 -4.18 15.39
C GLY A 116 -19.63 -4.18 14.33
N LEU A 117 -19.81 -4.98 13.28
CA LEU A 117 -18.78 -5.10 12.25
C LEU A 117 -18.87 -3.96 11.25
N LEU A 118 -20.07 -3.45 11.00
CA LEU A 118 -20.22 -2.25 10.19
C LEU A 118 -19.56 -1.05 10.86
N ASP A 119 -19.55 -1.00 12.18
CA ASP A 119 -18.96 0.14 12.88
C ASP A 119 -17.43 0.12 12.79
N VAL A 120 -16.80 -1.00 13.17
CA VAL A 120 -15.34 -1.07 13.20
C VAL A 120 -14.76 -0.89 11.79
N THR A 121 -15.39 -1.50 10.78
CA THR A 121 -14.86 -1.39 9.42
C THR A 121 -14.94 0.04 8.91
N CYS A 122 -16.06 0.71 9.14
CA CYS A 122 -16.15 2.10 8.71
C CYS A 122 -15.17 2.98 9.47
N LYS A 123 -15.01 2.73 10.77
CA LYS A 123 -14.00 3.45 11.56
C LYS A 123 -12.59 3.18 11.03
N THR A 124 -12.32 1.94 10.62
CA THR A 124 -11.00 1.60 10.11
C THR A 124 -10.66 2.44 8.89
N VAL A 125 -11.57 2.50 7.92
CA VAL A 125 -11.36 3.33 6.74
C VAL A 125 -11.16 4.79 7.15
N ALA A 126 -11.94 5.26 8.13
CA ALA A 126 -11.83 6.64 8.55
C ALA A 126 -10.47 6.95 9.16
N ASN A 127 -9.85 5.97 9.81
CA ASN A 127 -8.50 6.18 10.32
C ASN A 127 -7.50 6.23 9.18
N MET A 128 -7.82 5.61 8.04
CA MET A 128 -6.98 5.73 6.85
C MET A 128 -7.18 7.06 6.14
N ILE A 129 -8.09 7.90 6.64
CA ILE A 129 -8.28 9.25 6.13
C ILE A 129 -7.79 10.29 7.12
N LYS A 130 -8.03 10.07 8.42
CA LYS A 130 -7.74 11.05 9.45
C LYS A 130 -6.27 11.47 9.43
N GLY A 131 -6.00 12.71 9.00
CA GLY A 131 -4.68 13.30 9.02
C GLY A 131 -4.00 13.40 7.66
N LYS A 132 -4.37 12.56 6.69
CA LYS A 132 -3.74 12.63 5.38
C LYS A 132 -4.27 13.84 4.60
N THR A 133 -3.71 14.08 3.42
CA THR A 133 -4.08 15.19 2.56
C THR A 133 -4.59 14.67 1.22
N PRO A 134 -5.29 15.51 0.42
CA PRO A 134 -5.94 14.98 -0.80
C PRO A 134 -5.06 14.17 -1.71
N GLU A 135 -3.79 14.55 -1.87
CA GLU A 135 -2.90 13.73 -2.67
C GLU A 135 -2.63 12.39 -1.99
N GLU A 136 -2.28 12.43 -0.70
CA GLU A 136 -1.98 11.19 0.00
C GLU A 136 -3.21 10.31 0.13
N ILE A 137 -4.41 10.89 0.15
CA ILE A 137 -5.63 10.12 0.21
C ILE A 137 -5.95 9.50 -1.15
N ARG A 138 -5.77 10.28 -2.22
CA ARG A 138 -6.11 9.81 -3.56
C ARG A 138 -5.29 8.56 -3.91
N LYS A 139 -4.02 8.54 -3.55
CA LYS A 139 -3.18 7.38 -3.84
C LYS A 139 -3.60 6.12 -3.08
N THR A 140 -4.30 6.26 -1.95
CA THR A 140 -4.64 5.07 -1.18
C THR A 140 -5.88 4.36 -1.72
N PHE A 141 -6.85 5.08 -2.25
CA PHE A 141 -7.99 4.43 -2.90
C PHE A 141 -8.03 4.69 -4.41
N ASN A 142 -6.89 5.02 -5.02
CA ASN A 142 -6.75 5.24 -6.47
C ASN A 142 -7.94 6.02 -7.05
N ILE A 143 -8.17 7.20 -6.47
CA ILE A 143 -9.18 8.13 -6.97
C ILE A 143 -8.44 9.28 -7.64
N LYS A 144 -8.81 9.57 -8.89
CA LYS A 144 -8.16 10.64 -9.65
C LYS A 144 -8.66 12.01 -9.21
N ASN A 145 -7.76 12.99 -9.27
CA ASN A 145 -8.11 14.36 -8.91
C ASN A 145 -8.80 15.02 -10.10
N ASP A 146 -10.10 15.30 -9.96
CA ASP A 146 -10.88 15.90 -11.03
C ASP A 146 -10.81 17.42 -10.96
N GLU A 149 -6.48 22.64 -11.58
CA GLU A 149 -5.73 23.53 -10.70
C GLU A 149 -6.54 24.77 -10.34
N GLU A 150 -7.32 25.26 -11.30
CA GLU A 150 -8.17 26.42 -11.03
C GLU A 150 -9.38 26.03 -10.18
N GLU A 151 -9.90 24.82 -10.37
CA GLU A 151 -11.05 24.37 -9.58
C GLU A 151 -10.67 24.19 -8.12
N GLU A 152 -9.53 23.54 -7.86
CA GLU A 152 -9.12 23.24 -6.49
C GLU A 152 -8.90 24.51 -5.66
N ALA A 153 -8.31 25.54 -6.25
CA ALA A 153 -8.03 26.76 -5.50
C ALA A 153 -9.30 27.42 -4.96
N GLN A 154 -10.43 27.25 -5.65
CA GLN A 154 -11.67 27.87 -5.18
C GLN A 154 -12.17 27.21 -3.90
N VAL A 155 -12.13 25.87 -3.86
CA VAL A 155 -12.57 25.17 -2.65
C VAL A 155 -11.54 25.32 -1.54
N ARG A 156 -10.26 25.35 -1.90
CA ARG A 156 -9.22 25.53 -0.88
C ARG A 156 -9.39 26.85 -0.14
N LYS A 157 -9.83 27.89 -0.83
CA LYS A 157 -10.05 29.18 -0.19
C LYS A 157 -11.33 29.16 0.65
N GLU A 158 -12.41 28.62 0.10
CA GLU A 158 -13.71 28.65 0.79
C GLU A 158 -13.68 27.87 2.09
N ASN A 159 -12.98 26.72 2.10
CA ASN A 159 -12.93 25.89 3.30
C ASN A 159 -11.64 26.11 4.07
N GLN A 160 -11.11 27.34 4.10
CA GLN A 160 -9.95 27.60 4.93
C GLN A 160 -10.36 28.09 6.31
N TRP A 161 -11.35 28.97 6.37
CA TRP A 161 -11.80 29.53 7.64
C TRP A 161 -12.55 28.50 8.47
N CYS A 162 -13.33 27.64 7.81
CA CYS A 162 -14.11 26.64 8.51
C CYS A 162 -13.20 25.73 9.33
N GLU A 163 -12.39 24.92 8.68
CA GLU A 163 -11.48 24.03 9.38
C GLU A 163 -10.21 23.74 8.60
N VAL B 7 -14.80 7.83 -5.04
CA VAL B 7 -15.66 7.20 -6.03
C VAL B 7 -16.52 6.14 -5.37
N MET B 8 -16.78 5.05 -6.07
CA MET B 8 -17.50 3.91 -5.52
C MET B 8 -18.96 4.23 -5.23
N HIS B 9 -19.47 3.82 -4.07
CA HIS B 9 -20.87 4.01 -3.68
C HIS B 9 -21.01 5.09 -2.63
N ARG B 10 -22.06 5.90 -2.75
CA ARG B 10 -22.20 7.09 -1.93
C ARG B 10 -22.55 6.75 -0.48
N GLU B 11 -23.47 5.80 -0.27
CA GLU B 11 -23.92 5.49 1.08
C GLU B 11 -22.81 4.88 1.92
N VAL B 12 -21.86 4.19 1.27
CA VAL B 12 -20.72 3.65 2.00
C VAL B 12 -19.86 4.78 2.55
N TRP B 13 -19.56 5.77 1.70
CA TRP B 13 -18.64 6.83 2.09
C TRP B 13 -19.21 7.78 3.14
N MET B 14 -20.54 7.98 3.16
CA MET B 14 -21.10 8.84 4.19
C MET B 14 -21.00 8.19 5.57
N ALA B 15 -21.08 6.86 5.63
CA ALA B 15 -20.88 6.18 6.90
C ALA B 15 -19.47 6.45 7.45
N VAL B 16 -18.46 6.42 6.59
CA VAL B 16 -17.10 6.70 7.09
C VAL B 16 -16.94 8.19 7.37
N PHE B 17 -17.48 9.04 6.50
CA PHE B 17 -17.38 10.49 6.72
C PHE B 17 -17.99 10.90 8.05
N SER B 18 -18.99 10.15 8.54
CA SER B 18 -19.65 10.51 9.79
C SER B 18 -18.76 10.28 11.00
N TYR B 19 -17.58 9.68 10.82
CA TYR B 19 -16.63 9.48 11.90
C TYR B 19 -15.50 10.52 11.87
N LEU B 20 -15.65 11.58 11.09
CA LEU B 20 -14.59 12.55 10.87
C LEU B 20 -14.96 13.87 11.52
N SER B 21 -13.97 14.49 12.18
CA SER B 21 -14.17 15.80 12.76
C SER B 21 -14.35 16.83 11.66
N HIS B 22 -14.66 18.07 12.07
CA HIS B 22 -14.81 19.15 11.11
C HIS B 22 -13.48 19.44 10.40
N GLN B 23 -12.36 19.29 11.11
CA GLN B 23 -11.06 19.49 10.49
C GLN B 23 -10.69 18.31 9.59
N ASP B 24 -11.07 17.09 9.98
CA ASP B 24 -10.90 15.94 9.08
C ASP B 24 -11.76 16.09 7.84
N LEU B 25 -13.03 16.45 8.02
CA LEU B 25 -13.90 16.69 6.87
C LEU B 25 -13.38 17.82 6.00
N CYS B 26 -12.64 18.76 6.59
CA CYS B 26 -12.09 19.87 5.83
C CYS B 26 -11.17 19.41 4.70
N VAL B 27 -10.46 18.30 4.91
CA VAL B 27 -9.51 17.84 3.90
C VAL B 27 -10.21 17.14 2.73
N CYS B 28 -11.34 16.47 2.97
CA CYS B 28 -11.93 15.56 1.99
C CYS B 28 -12.65 16.25 0.83
N MET B 29 -13.03 17.53 0.94
CA MET B 29 -13.70 18.12 -0.23
C MET B 29 -12.73 18.62 -1.29
N ARG B 30 -11.43 18.38 -1.14
CA ARG B 30 -10.46 18.65 -2.20
C ARG B 30 -9.93 17.36 -2.83
N VAL B 31 -10.42 16.20 -2.40
CA VAL B 31 -9.93 14.93 -2.95
C VAL B 31 -10.45 14.71 -4.37
N CYS B 32 -11.75 14.89 -4.57
CA CYS B 32 -12.36 14.71 -5.88
C CYS B 32 -13.65 15.52 -5.95
N ARG B 33 -14.16 15.66 -7.18
CA ARG B 33 -15.36 16.46 -7.39
C ARG B 33 -16.58 15.82 -6.74
N THR B 34 -16.70 14.49 -6.84
CA THR B 34 -17.86 13.82 -6.26
C THR B 34 -17.83 13.84 -4.75
N TRP B 35 -16.63 13.79 -4.15
CA TRP B 35 -16.52 13.92 -2.70
C TRP B 35 -16.93 15.30 -2.23
N ASN B 36 -16.56 16.35 -2.97
CA ASN B 36 -16.94 17.70 -2.59
C ASN B 36 -18.45 17.87 -2.57
N ARG B 37 -19.14 17.28 -3.55
CA ARG B 37 -20.60 17.35 -3.55
C ARG B 37 -21.18 16.55 -2.39
N TRP B 38 -20.58 15.38 -2.09
CA TRP B 38 -21.11 14.52 -1.03
C TRP B 38 -20.95 15.15 0.34
N CYS B 39 -19.90 15.95 0.53
CA CYS B 39 -19.60 16.51 1.85
C CYS B 39 -20.32 17.82 2.15
N CYS B 40 -21.18 18.30 1.24
CA CYS B 40 -22.01 19.46 1.53
C CYS B 40 -23.36 19.08 2.13
N ASP B 41 -23.46 17.91 2.73
CA ASP B 41 -24.64 17.50 3.47
C ASP B 41 -24.52 18.03 4.91
N LYS B 42 -25.50 18.84 5.32
CA LYS B 42 -25.40 19.49 6.62
C LYS B 42 -25.46 18.49 7.77
N ARG B 43 -26.01 17.30 7.56
CA ARG B 43 -26.01 16.34 8.65
C ARG B 43 -24.62 15.79 8.95
N LEU B 44 -23.60 16.05 8.12
CA LEU B 44 -22.30 15.52 8.52
C LEU B 44 -21.64 16.41 9.56
N TRP B 45 -21.85 17.71 9.45
CA TRP B 45 -21.27 18.65 10.40
C TRP B 45 -22.12 18.81 11.65
N THR B 46 -23.19 18.03 11.78
CA THR B 46 -24.10 17.98 12.94
C THR B 46 -23.67 18.76 14.18
N GLY C 3 -55.80 -11.83 -10.63
CA GLY C 3 -55.16 -10.88 -9.74
C GLY C 3 -55.19 -11.27 -8.28
N MET C 4 -54.06 -11.06 -7.60
CA MET C 4 -53.85 -11.50 -6.23
C MET C 4 -52.94 -10.50 -5.53
N GLN C 5 -53.01 -10.49 -4.20
CA GLN C 5 -52.22 -9.57 -3.39
C GLN C 5 -51.19 -10.34 -2.58
N ILE C 6 -49.93 -9.88 -2.62
CA ILE C 6 -48.84 -10.44 -1.85
C ILE C 6 -48.10 -9.30 -1.14
N PHE C 7 -47.29 -9.66 -0.16
CA PHE C 7 -46.56 -8.71 0.65
C PHE C 7 -45.07 -8.91 0.50
N VAL C 8 -44.34 -7.80 0.39
CA VAL C 8 -42.89 -7.80 0.33
C VAL C 8 -42.37 -7.02 1.54
N LYS C 9 -41.54 -7.67 2.37
CA LYS C 9 -41.02 -7.03 3.57
C LYS C 9 -39.50 -6.91 3.51
N THR C 10 -39.01 -5.70 3.78
CA THR C 10 -37.59 -5.37 3.78
C THR C 10 -36.95 -5.72 5.12
N PHE C 11 -35.64 -5.60 5.15
CA PHE C 11 -34.90 -5.68 6.39
C PHE C 11 -34.42 -4.30 6.78
N ARG C 12 -33.62 -4.23 7.84
CA ARG C 12 -33.01 -2.96 8.21
C ARG C 12 -31.75 -2.78 7.37
N ASP C 13 -31.66 -1.68 6.64
CA ASP C 13 -30.47 -1.36 5.86
C ASP C 13 -29.85 -0.10 6.44
N ARG C 14 -28.68 -0.25 7.06
CA ARG C 14 -28.05 0.83 7.80
C ARG C 14 -27.30 1.80 6.90
N LEU C 15 -26.80 1.37 5.73
CA LEU C 15 -26.07 2.31 4.87
C LEU C 15 -27.03 3.26 4.16
N ARG C 16 -28.10 2.73 3.58
CA ARG C 16 -29.29 3.54 3.46
C ARG C 16 -29.83 3.78 4.87
N ASN C 17 -30.88 4.59 5.02
CA ASN C 17 -31.44 4.65 6.37
C ASN C 17 -32.85 4.19 6.18
N LEU C 18 -33.00 2.86 6.22
CA LEU C 18 -34.28 2.23 6.01
C LEU C 18 -34.55 1.29 7.17
N LEU C 19 -35.74 1.38 7.76
CA LEU C 19 -36.20 0.39 8.71
C LEU C 19 -36.99 -0.69 8.00
N PRO C 20 -37.14 -1.87 8.60
CA PRO C 20 -37.99 -2.89 7.99
C PRO C 20 -39.42 -2.41 7.87
N GLN C 21 -40.03 -2.74 6.73
CA GLN C 21 -41.40 -2.35 6.46
C GLN C 21 -41.94 -3.28 5.39
N THR C 22 -43.26 -3.37 5.35
CA THR C 22 -43.96 -4.24 4.43
C THR C 22 -44.78 -3.40 3.44
N ILE C 23 -44.71 -3.77 2.15
CA ILE C 23 -45.54 -3.17 1.12
C ILE C 23 -46.40 -4.25 0.50
N THR C 24 -47.39 -3.82 -0.27
CA THR C 24 -48.34 -4.70 -0.97
C THR C 24 -48.13 -4.59 -2.47
N LEU C 25 -48.28 -5.71 -3.16
CA LEU C 25 -48.24 -5.75 -4.62
C LEU C 25 -49.45 -6.50 -5.15
N GLU C 26 -49.90 -6.08 -6.33
CA GLU C 26 -50.95 -6.78 -7.09
C GLU C 26 -50.26 -7.56 -8.19
N VAL C 27 -50.35 -8.88 -8.11
CA VAL C 27 -49.62 -9.78 -8.99
C VAL C 27 -50.57 -10.83 -9.54
N GLU C 28 -50.08 -11.58 -10.52
CA GLU C 28 -50.75 -12.76 -11.02
C GLU C 28 -49.86 -13.97 -10.79
N PRO C 29 -50.45 -15.15 -10.57
CA PRO C 29 -49.60 -16.35 -10.41
C PRO C 29 -48.70 -16.59 -11.60
N SER C 30 -49.18 -16.31 -12.81
CA SER C 30 -48.36 -16.38 -14.01
C SER C 30 -47.15 -15.46 -13.98
N ASP C 31 -47.15 -14.43 -13.14
CA ASP C 31 -46.19 -13.34 -13.28
C ASP C 31 -44.77 -13.81 -12.96
N THR C 32 -43.82 -13.31 -13.73
CA THR C 32 -42.42 -13.65 -13.54
C THR C 32 -41.80 -12.79 -12.44
N ILE C 33 -40.70 -13.30 -11.87
CA ILE C 33 -39.97 -12.54 -10.87
C ILE C 33 -39.46 -11.24 -11.46
N GLU C 34 -39.13 -11.24 -12.75
CA GLU C 34 -38.75 -9.99 -13.41
C GLU C 34 -39.88 -8.97 -13.37
N ASN C 35 -41.12 -9.41 -13.64
CA ASN C 35 -42.27 -8.52 -13.55
C ASN C 35 -42.43 -7.94 -12.14
N VAL C 36 -42.32 -8.79 -11.13
CA VAL C 36 -42.55 -8.36 -9.75
C VAL C 36 -41.47 -7.37 -9.32
N LYS C 37 -40.24 -7.58 -9.74
CA LYS C 37 -39.21 -6.58 -9.47
C LYS C 37 -39.51 -5.27 -10.20
N ALA C 38 -40.05 -5.37 -11.42
CA ALA C 38 -40.46 -4.17 -12.13
C ALA C 38 -41.57 -3.44 -11.39
N LYS C 39 -42.50 -4.19 -10.81
CA LYS C 39 -43.55 -3.57 -10.01
C LYS C 39 -43.01 -2.96 -8.74
N ILE C 40 -41.95 -3.56 -8.18
CA ILE C 40 -41.35 -2.98 -6.98
C ILE C 40 -40.63 -1.68 -7.33
N GLN C 41 -39.96 -1.63 -8.47
CA GLN C 41 -39.39 -0.37 -8.93
C GLN C 41 -40.48 0.66 -9.16
N ASP C 42 -41.60 0.21 -9.74
CA ASP C 42 -42.74 1.09 -9.98
C ASP C 42 -43.23 1.75 -8.69
N LYS C 43 -43.14 1.06 -7.56
CA LYS C 43 -43.75 1.53 -6.32
C LYS C 43 -42.78 2.23 -5.39
N GLU C 44 -41.50 1.86 -5.39
CA GLU C 44 -40.54 2.48 -4.48
C GLU C 44 -39.27 2.96 -5.17
N GLY C 45 -39.13 2.76 -6.48
CA GLY C 45 -38.01 3.32 -7.20
C GLY C 45 -36.70 2.57 -7.11
N ILE C 46 -36.73 1.30 -6.74
CA ILE C 46 -35.53 0.47 -6.64
C ILE C 46 -35.37 -0.31 -7.94
N PRO C 47 -34.30 -0.10 -8.72
CA PRO C 47 -34.10 -0.89 -9.92
C PRO C 47 -33.85 -2.36 -9.58
N PRO C 48 -34.26 -3.27 -10.46
CA PRO C 48 -34.11 -4.71 -10.17
C PRO C 48 -32.69 -5.14 -9.87
N ASP C 49 -31.68 -4.50 -10.48
CA ASP C 49 -30.30 -4.91 -10.26
C ASP C 49 -29.88 -4.76 -8.79
N GLN C 50 -30.69 -4.10 -7.97
CA GLN C 50 -30.43 -3.93 -6.55
C GLN C 50 -31.43 -4.66 -5.66
N GLN C 51 -32.24 -5.56 -6.22
CA GLN C 51 -33.22 -6.30 -5.42
C GLN C 51 -32.94 -7.79 -5.47
N VAL C 52 -32.88 -8.39 -4.30
CA VAL C 52 -32.88 -9.84 -4.14
C VAL C 52 -34.13 -10.19 -3.34
N LEU C 53 -35.00 -11.00 -3.91
CA LEU C 53 -36.19 -11.44 -3.22
C LEU C 53 -36.03 -12.89 -2.76
N ILE C 54 -36.59 -13.19 -1.60
CA ILE C 54 -36.48 -14.49 -0.99
C ILE C 54 -37.85 -14.93 -0.46
N PHE C 55 -38.23 -16.17 -0.77
CA PHE C 55 -39.39 -16.80 -0.18
C PHE C 55 -39.04 -18.24 0.10
N SER C 56 -39.42 -18.71 1.30
CA SER C 56 -39.16 -20.08 1.74
C SER C 56 -37.69 -20.44 1.59
N ARG C 57 -36.82 -19.53 2.02
CA ARG C 57 -35.36 -19.70 1.96
C ARG C 57 -34.86 -20.13 0.59
N LYS C 58 -35.54 -19.69 -0.47
CA LYS C 58 -35.04 -19.85 -1.84
C LYS C 58 -34.93 -18.48 -2.49
N ARG C 59 -33.76 -18.16 -3.03
CA ARG C 59 -33.61 -16.95 -3.82
C ARG C 59 -34.38 -17.11 -5.12
N LEU C 60 -35.29 -16.17 -5.38
CA LEU C 60 -36.17 -16.25 -6.54
C LEU C 60 -35.42 -15.81 -7.79
N GLU C 61 -35.40 -16.67 -8.80
CA GLU C 61 -34.63 -16.41 -10.02
C GLU C 61 -35.47 -15.67 -11.03
N ASP C 62 -34.83 -14.79 -11.80
CA ASP C 62 -35.54 -13.76 -12.56
C ASP C 62 -36.47 -14.35 -13.61
N GLY C 63 -36.02 -15.37 -14.34
CA GLY C 63 -36.76 -15.87 -15.48
C GLY C 63 -37.97 -16.74 -15.16
N ARG C 64 -38.25 -16.98 -13.89
CA ARG C 64 -39.26 -17.93 -13.44
C ARG C 64 -40.47 -17.22 -12.85
N THR C 65 -41.51 -18.00 -12.55
CA THR C 65 -42.82 -17.50 -12.14
C THR C 65 -43.08 -17.72 -10.66
N LEU C 66 -44.13 -17.06 -10.16
CA LEU C 66 -44.50 -17.25 -8.75
C LEU C 66 -45.14 -18.62 -8.51
N SER C 67 -45.86 -19.15 -9.50
CA SER C 67 -46.43 -20.48 -9.37
C SER C 67 -45.34 -21.55 -9.30
N ASP C 68 -44.16 -21.29 -9.88
CA ASP C 68 -43.07 -22.26 -9.78
C ASP C 68 -42.49 -22.34 -8.37
N TYR C 69 -42.69 -21.32 -7.54
CA TYR C 69 -42.31 -21.37 -6.14
C TYR C 69 -43.50 -21.58 -5.21
N ASN C 70 -44.68 -21.86 -5.77
CA ASN C 70 -45.93 -21.93 -5.03
C ASN C 70 -46.09 -20.74 -4.08
N ILE C 71 -46.06 -19.57 -4.69
CA ILE C 71 -46.36 -18.32 -3.99
C ILE C 71 -47.85 -18.04 -4.18
N GLN C 72 -48.60 -18.05 -3.08
CA GLN C 72 -50.05 -17.96 -3.10
C GLN C 72 -50.50 -16.62 -2.52
N LYS C 73 -51.82 -16.48 -2.34
CA LYS C 73 -52.36 -15.26 -1.77
C LYS C 73 -51.79 -14.99 -0.40
N GLU C 74 -51.55 -13.71 -0.10
CA GLU C 74 -51.10 -13.21 1.20
C GLU C 74 -49.78 -13.80 1.66
N SER C 75 -49.07 -14.52 0.82
CA SER C 75 -47.73 -14.90 1.21
C SER C 75 -46.82 -13.67 1.21
N THR C 76 -45.68 -13.81 1.89
CA THR C 76 -44.78 -12.69 2.12
C THR C 76 -43.38 -13.03 1.62
N LEU C 77 -42.93 -12.27 0.63
CA LEU C 77 -41.55 -12.31 0.18
C LEU C 77 -40.76 -11.34 1.07
N ARG C 78 -39.51 -11.68 1.38
CA ARG C 78 -38.58 -10.72 1.96
C ARG C 78 -37.61 -10.25 0.89
N LEU C 79 -37.06 -9.05 1.10
CA LEU C 79 -36.24 -8.41 0.06
C LEU C 79 -35.05 -7.72 0.70
N VAL C 80 -33.85 -8.07 0.26
CA VAL C 80 -32.62 -7.40 0.67
C VAL C 80 -32.23 -6.43 -0.44
N LEU C 81 -31.75 -5.25 -0.06
CA LEU C 81 -31.27 -4.26 -1.02
C LEU C 81 -29.75 -4.36 -1.16
N VAL C 82 -29.27 -4.44 -2.40
CA VAL C 82 -27.84 -4.52 -2.69
C VAL C 82 -27.44 -3.35 -3.59
N PHE C 83 -26.14 -3.21 -3.81
CA PHE C 83 -25.64 -2.14 -4.67
C PHE C 83 -25.30 -2.62 -6.09
N GLY D 1 51.24 16.88 -26.17
CA GLY D 1 51.65 18.24 -25.90
C GLY D 1 51.16 18.72 -24.56
N SER D 2 50.10 19.54 -24.59
CA SER D 2 49.47 20.03 -23.36
C SER D 2 48.82 18.88 -22.60
N GLY D 3 48.98 17.65 -23.11
CA GLY D 3 48.59 16.44 -22.43
C GLY D 3 49.04 16.42 -20.98
N MET D 4 48.17 15.91 -20.12
CA MET D 4 48.37 15.97 -18.67
C MET D 4 47.78 14.69 -18.11
N GLN D 5 48.29 14.24 -16.96
CA GLN D 5 47.82 13.01 -16.34
C GLN D 5 47.20 13.29 -14.98
N ILE D 6 46.00 12.75 -14.74
CA ILE D 6 45.30 12.88 -13.49
C ILE D 6 44.86 11.50 -13.02
N PHE D 7 44.45 11.43 -11.75
CA PHE D 7 44.02 10.19 -11.13
C PHE D 7 42.58 10.32 -10.64
N VAL D 8 41.81 9.26 -10.88
CA VAL D 8 40.46 9.15 -10.37
C VAL D 8 40.42 7.97 -9.42
N LYS D 9 40.03 8.24 -8.18
CA LYS D 9 39.95 7.23 -7.15
C LYS D 9 38.50 7.05 -6.72
N THR D 10 38.07 5.81 -6.71
CA THR D 10 36.74 5.32 -6.42
C THR D 10 36.58 5.16 -4.90
N PHE D 11 35.34 4.92 -4.45
CA PHE D 11 35.01 4.57 -3.07
C PHE D 11 34.59 3.10 -2.98
N ARG D 12 34.22 2.65 -1.79
CA ARG D 12 33.67 1.32 -1.69
C ARG D 12 32.20 1.41 -2.05
N ASP D 13 31.78 0.61 -3.02
CA ASP D 13 30.38 0.60 -3.45
C ASP D 13 29.85 -0.80 -3.13
N ARG D 14 28.96 -0.88 -2.15
CA ARG D 14 28.51 -2.16 -1.64
C ARG D 14 27.45 -2.81 -2.51
N LEU D 15 26.63 -2.00 -3.20
CA LEU D 15 25.55 -2.55 -4.01
C LEU D 15 26.10 -3.15 -5.30
N ARG D 16 27.00 -2.43 -5.96
CA ARG D 16 28.00 -3.06 -6.79
C ARG D 16 28.91 -3.89 -5.89
N ASN D 17 29.86 -4.61 -6.43
CA ASN D 17 30.80 -5.25 -5.53
C ASN D 17 32.19 -4.73 -5.87
N LEU D 18 32.44 -3.49 -5.44
CA LEU D 18 33.62 -2.72 -5.82
C LEU D 18 34.33 -2.21 -4.59
N LEU D 19 35.63 -2.42 -4.56
CA LEU D 19 36.48 -1.77 -3.57
C LEU D 19 37.07 -0.52 -4.17
N PRO D 20 37.52 0.43 -3.35
CA PRO D 20 38.18 1.63 -3.88
C PRO D 20 39.44 1.29 -4.67
N GLN D 21 39.64 2.04 -5.75
CA GLN D 21 40.79 1.84 -6.61
C GLN D 21 40.99 3.12 -7.41
N THR D 22 42.20 3.30 -7.89
CA THR D 22 42.60 4.48 -8.63
C THR D 22 42.88 4.11 -10.08
N ILE D 23 42.40 4.94 -10.99
CA ILE D 23 42.72 4.81 -12.40
C ILE D 23 43.42 6.09 -12.85
N THR D 24 44.05 6.01 -14.03
CA THR D 24 44.80 7.11 -14.61
C THR D 24 44.10 7.59 -15.87
N LEU D 25 44.11 8.90 -16.08
CA LEU D 25 43.58 9.46 -17.32
C LEU D 25 44.58 10.43 -17.92
N GLU D 26 44.58 10.51 -19.24
CA GLU D 26 45.35 11.51 -19.96
C GLU D 26 44.36 12.58 -20.41
N VAL D 27 44.49 13.77 -19.86
CA VAL D 27 43.55 14.87 -20.07
C VAL D 27 44.34 16.13 -20.38
N GLU D 28 43.63 17.15 -20.85
CA GLU D 28 44.18 18.49 -21.01
C GLU D 28 43.37 19.50 -20.17
N PRO D 29 43.99 20.60 -19.76
CA PRO D 29 43.22 21.63 -19.02
C PRO D 29 41.98 22.12 -19.75
N SER D 30 42.01 22.18 -21.08
CA SER D 30 40.83 22.52 -21.87
C SER D 30 39.66 21.58 -21.64
N ASP D 31 39.89 20.37 -21.13
CA ASP D 31 38.87 19.33 -21.17
C ASP D 31 37.71 19.64 -20.23
N THR D 32 36.50 19.33 -20.68
CA THR D 32 35.31 19.51 -19.88
C THR D 32 35.09 18.28 -18.99
N ILE D 33 34.29 18.48 -17.94
CA ILE D 33 33.94 17.39 -17.04
C ILE D 33 33.22 16.28 -17.80
N GLU D 34 32.42 16.66 -18.80
CA GLU D 34 31.80 15.66 -19.68
C GLU D 34 32.85 14.86 -20.43
N ASN D 35 33.89 15.52 -20.96
CA ASN D 35 34.98 14.82 -21.61
C ASN D 35 35.65 13.84 -20.65
N VAL D 36 35.84 14.25 -19.40
CA VAL D 36 36.49 13.38 -18.42
C VAL D 36 35.61 12.17 -18.14
N LYS D 37 34.30 12.38 -18.01
CA LYS D 37 33.38 11.26 -17.83
C LYS D 37 33.34 10.36 -19.06
N ALA D 38 33.43 10.95 -20.25
CA ALA D 38 33.50 10.12 -21.46
C ALA D 38 34.77 9.27 -21.46
N LYS D 39 35.88 9.80 -20.93
CA LYS D 39 37.10 9.01 -20.87
C LYS D 39 36.98 7.90 -19.83
N ILE D 40 36.30 8.16 -18.73
CA ILE D 40 36.13 7.14 -17.71
C ILE D 40 35.27 6.00 -18.23
N GLN D 41 34.19 6.34 -18.97
CA GLN D 41 33.39 5.29 -19.60
C GLN D 41 34.21 4.50 -20.61
N ASP D 42 35.01 5.20 -21.42
CA ASP D 42 35.86 4.53 -22.39
C ASP D 42 36.76 3.51 -21.72
N LYS D 43 37.16 3.78 -20.48
CA LYS D 43 38.15 2.98 -19.76
C LYS D 43 37.54 1.96 -18.81
N GLU D 44 36.36 2.23 -18.24
CA GLU D 44 35.78 1.29 -17.29
C GLU D 44 34.32 0.96 -17.56
N GLY D 45 33.70 1.56 -18.59
CA GLY D 45 32.37 1.16 -19.00
C GLY D 45 31.22 1.74 -18.19
N ILE D 46 31.46 2.81 -17.43
CA ILE D 46 30.43 3.46 -16.62
C ILE D 46 29.86 4.63 -17.41
N PRO D 47 28.59 4.64 -17.77
CA PRO D 47 28.02 5.79 -18.47
C PRO D 47 28.08 7.04 -17.62
N PRO D 48 28.18 8.22 -18.24
CA PRO D 48 28.38 9.47 -17.47
C PRO D 48 27.29 9.77 -16.44
N ASP D 49 26.02 9.44 -16.73
CA ASP D 49 24.96 9.73 -15.77
C ASP D 49 25.12 8.94 -14.47
N GLN D 50 26.06 8.00 -14.41
CA GLN D 50 26.29 7.22 -13.19
C GLN D 50 27.61 7.59 -12.53
N GLN D 51 28.18 8.74 -12.88
CA GLN D 51 29.40 9.23 -12.27
C GLN D 51 29.17 10.59 -11.63
N VAL D 52 29.60 10.72 -10.38
CA VAL D 52 29.74 12.01 -9.73
C VAL D 52 31.23 12.15 -9.40
N LEU D 53 31.86 13.18 -9.93
CA LEU D 53 33.25 13.46 -9.62
C LEU D 53 33.35 14.65 -8.68
N ILE D 54 34.32 14.57 -7.77
CA ILE D 54 34.53 15.59 -6.75
C ILE D 54 36.02 15.87 -6.69
N PHE D 55 36.37 17.14 -6.61
CA PHE D 55 37.74 17.56 -6.37
C PHE D 55 37.68 18.72 -5.39
N SER D 56 38.53 18.71 -4.37
CA SER D 56 38.58 19.78 -3.38
C SER D 56 37.18 20.10 -2.83
N ARG D 57 36.45 19.04 -2.45
CA ARG D 57 35.09 19.16 -1.92
C ARG D 57 34.21 20.06 -2.78
N LYS D 58 34.46 20.07 -4.09
CA LYS D 58 33.60 20.72 -5.06
C LYS D 58 33.08 19.65 -6.01
N ARG D 59 31.76 19.57 -6.13
CA ARG D 59 31.14 18.72 -7.13
C ARG D 59 31.42 19.30 -8.51
N LEU D 60 31.95 18.49 -9.41
CA LEU D 60 32.35 18.97 -10.73
C LEU D 60 31.13 19.08 -11.62
N GLU D 61 30.90 20.27 -12.17
CA GLU D 61 29.71 20.58 -12.98
C GLU D 61 29.98 20.34 -14.46
N ASP D 62 28.93 19.90 -15.16
CA ASP D 62 29.08 19.30 -16.48
C ASP D 62 29.70 20.27 -17.48
N GLY D 63 29.26 21.53 -17.49
CA GLY D 63 29.75 22.40 -18.53
C GLY D 63 31.11 23.03 -18.33
N ARG D 64 31.77 22.81 -17.20
CA ARG D 64 32.98 23.57 -16.92
C ARG D 64 34.20 22.72 -17.20
N THR D 65 35.37 23.36 -17.13
CA THR D 65 36.64 22.77 -17.52
C THR D 65 37.47 22.46 -16.27
N LEU D 66 38.51 21.64 -16.43
CA LEU D 66 39.33 21.32 -15.27
C LEU D 66 40.14 22.51 -14.82
N SER D 67 40.53 23.40 -15.76
CA SER D 67 41.23 24.60 -15.37
C SER D 67 40.35 25.52 -14.52
N ASP D 68 39.02 25.44 -14.69
CA ASP D 68 38.14 26.28 -13.87
C ASP D 68 38.11 25.83 -12.42
N TYR D 69 38.50 24.58 -12.16
CA TYR D 69 38.70 24.10 -10.80
C TYR D 69 40.18 24.06 -10.44
N ASN D 70 41.03 24.63 -11.29
CA ASN D 70 42.47 24.55 -11.13
C ASN D 70 42.90 23.12 -10.81
N ILE D 71 42.55 22.23 -11.74
CA ILE D 71 43.00 20.85 -11.70
C ILE D 71 44.26 20.74 -12.55
N GLN D 72 45.37 20.41 -11.90
CA GLN D 72 46.68 20.40 -12.54
C GLN D 72 47.18 18.97 -12.65
N LYS D 73 48.41 18.81 -13.10
CA LYS D 73 49.01 17.50 -13.26
C LYS D 73 49.00 16.75 -11.92
N GLU D 74 48.79 15.43 -12.00
CA GLU D 74 48.80 14.53 -10.85
C GLU D 74 47.73 14.87 -9.81
N SER D 75 46.76 15.70 -10.15
CA SER D 75 45.63 15.88 -9.25
C SER D 75 44.84 14.58 -9.16
N THR D 76 44.07 14.47 -8.11
CA THR D 76 43.30 13.25 -7.86
C THR D 76 41.84 13.62 -7.63
N LEU D 77 40.99 13.21 -8.54
CA LEU D 77 39.55 13.32 -8.38
C LEU D 77 39.01 12.11 -7.64
N ARG D 78 37.95 12.32 -6.88
CA ARG D 78 37.20 11.19 -6.36
C ARG D 78 35.95 10.97 -7.19
N LEU D 79 35.49 9.72 -7.22
CA LEU D 79 34.37 9.38 -8.08
C LEU D 79 33.43 8.48 -7.30
N VAL D 80 32.18 8.91 -7.13
CA VAL D 80 31.11 8.08 -6.58
C VAL D 80 30.27 7.56 -7.73
N LEU D 81 29.91 6.30 -7.66
CA LEU D 81 29.03 5.71 -8.67
C LEU D 81 27.60 5.81 -8.18
N VAL D 82 26.74 6.36 -9.04
CA VAL D 82 25.33 6.52 -8.73
C VAL D 82 24.54 5.75 -9.78
N PHE D 83 23.24 5.64 -9.57
CA PHE D 83 22.40 4.93 -10.54
C PHE D 83 21.73 5.85 -11.55
N GLY D 84 21.89 7.16 -11.39
CA GLY D 84 21.30 8.10 -12.34
C GLY D 84 21.61 9.52 -11.93
N ARG D 85 21.20 10.45 -12.78
CA ARG D 85 21.38 11.86 -12.49
C ARG D 85 20.48 12.30 -11.35
N ARG D 86 21.01 13.15 -10.48
CA ARG D 86 20.26 13.73 -9.36
C ARG D 86 21.08 14.85 -8.69
N MET E 3 31.79 20.53 20.46
CA MET E 3 32.08 19.35 19.64
C MET E 3 32.55 19.73 18.24
N PRO E 4 33.56 19.03 17.74
CA PRO E 4 33.98 19.25 16.35
C PRO E 4 32.83 18.93 15.40
N SER E 5 32.66 19.79 14.39
CA SER E 5 31.50 19.72 13.51
C SER E 5 31.98 19.93 12.09
N ILE E 6 31.17 19.44 11.15
CA ILE E 6 31.46 19.51 9.72
C ILE E 6 30.20 19.96 9.00
N LYS E 7 30.41 20.52 7.82
CA LYS E 7 29.33 21.00 6.98
C LYS E 7 29.14 20.05 5.79
N LEU E 8 27.93 19.56 5.60
CA LEU E 8 27.58 18.71 4.46
C LEU E 8 26.72 19.47 3.48
N GLN E 9 26.89 19.22 2.19
CA GLN E 9 26.03 19.82 1.17
C GLN E 9 25.22 18.74 0.46
N SER E 10 23.91 18.79 0.65
CA SER E 10 22.98 17.93 -0.04
C SER E 10 23.03 18.17 -1.55
N SER E 11 22.51 17.20 -2.30
CA SER E 11 22.51 17.33 -3.75
C SER E 11 21.60 18.47 -4.22
N ASP E 12 20.58 18.83 -3.43
CA ASP E 12 19.75 19.99 -3.80
C ASP E 12 20.38 21.32 -3.43
N GLY E 13 21.48 21.32 -2.68
CA GLY E 13 22.16 22.55 -2.34
C GLY E 13 21.98 23.02 -0.92
N GLU E 14 21.50 22.16 -0.04
CA GLU E 14 21.23 22.53 1.35
C GLU E 14 22.44 22.20 2.21
N ILE E 15 22.84 23.15 3.03
CA ILE E 15 23.93 22.96 3.98
C ILE E 15 23.35 22.41 5.28
N PHE E 16 24.00 21.35 5.79
CA PHE E 16 23.72 20.79 7.10
C PHE E 16 25.03 20.80 7.87
N GLU E 17 24.99 21.26 9.12
CA GLU E 17 26.16 21.19 9.99
C GLU E 17 25.90 20.13 11.05
N VAL E 18 26.78 19.14 11.14
CA VAL E 18 26.57 17.95 11.97
C VAL E 18 27.88 17.67 12.69
N ASP E 19 27.79 17.07 13.87
CA ASP E 19 29.02 16.65 14.56
C ASP E 19 29.80 15.63 13.72
N VAL E 20 31.13 15.71 13.79
CA VAL E 20 32.02 14.81 13.05
C VAL E 20 31.69 13.35 13.34
N GLU E 21 31.50 13.00 14.61
CA GLU E 21 31.25 11.60 14.94
C GLU E 21 29.97 11.09 14.30
N ILE E 22 28.99 11.97 14.09
CA ILE E 22 27.78 11.59 13.36
C ILE E 22 28.10 11.38 11.89
N ALA E 23 28.84 12.32 11.30
CA ALA E 23 29.10 12.28 9.87
C ALA E 23 30.04 11.15 9.49
N LYS E 24 30.95 10.76 10.38
CA LYS E 24 31.92 9.72 10.05
C LYS E 24 31.31 8.32 10.08
N GLN E 25 30.04 8.19 10.47
CA GLN E 25 29.35 6.93 10.22
C GLN E 25 29.27 6.63 8.73
N SER E 26 29.37 7.67 7.89
CA SER E 26 29.50 7.49 6.45
C SER E 26 30.98 7.36 6.13
N VAL E 27 31.39 6.15 5.76
CA VAL E 27 32.79 5.89 5.46
C VAL E 27 33.23 6.71 4.24
N THR E 28 32.29 6.96 3.32
CA THR E 28 32.57 7.86 2.21
C THR E 28 32.88 9.27 2.71
N ILE E 29 32.06 9.79 3.62
CA ILE E 29 32.36 11.11 4.17
C ILE E 29 33.64 11.06 5.01
N LYS E 30 33.79 10.03 5.82
CA LYS E 30 34.95 9.95 6.71
C LYS E 30 36.23 9.87 5.92
N THR E 31 36.20 9.16 4.79
CA THR E 31 37.37 9.08 3.94
C THR E 31 37.69 10.44 3.33
N MET E 32 36.65 11.17 2.93
CA MET E 32 36.85 12.48 2.34
C MET E 32 37.24 13.54 3.37
N LEU E 33 37.22 13.22 4.66
CA LEU E 33 37.74 14.13 5.68
C LEU E 33 39.15 13.78 6.13
N GLU E 34 39.70 12.64 5.70
CA GLU E 34 40.99 12.18 6.16
C GLU E 34 42.06 12.28 5.08
N ASP E 35 41.73 12.83 3.92
CA ASP E 35 42.68 13.06 2.84
C ASP E 35 43.00 14.56 2.84
N LEU E 36 44.07 14.93 3.55
CA LEU E 36 44.54 16.31 3.64
C LEU E 36 43.45 17.29 4.08
N ASP E 43 39.50 22.94 3.51
CA ASP E 43 39.39 23.04 4.95
C ASP E 43 37.93 23.19 5.40
N ASP E 44 37.49 24.42 5.62
CA ASP E 44 36.18 24.69 6.19
C ASP E 44 35.03 24.53 5.19
N ASP E 45 35.32 24.17 3.94
CA ASP E 45 34.27 24.13 2.92
C ASP E 45 33.45 22.84 3.03
N PRO E 46 32.17 22.88 2.65
CA PRO E 46 31.27 21.75 2.95
C PRO E 46 31.43 20.58 2.00
N VAL E 47 31.23 19.38 2.54
CA VAL E 47 31.44 18.13 1.81
C VAL E 47 30.23 17.83 0.94
N PRO E 48 30.37 17.84 -0.38
CA PRO E 48 29.24 17.49 -1.26
C PRO E 48 28.81 16.06 -1.09
N LEU E 49 27.50 15.83 -1.09
CA LEU E 49 27.00 14.47 -1.02
C LEU E 49 26.37 14.08 -2.34
N PRO E 50 26.81 12.97 -2.94
CA PRO E 50 26.38 12.63 -4.30
C PRO E 50 24.97 12.06 -4.28
N ASN E 51 24.05 12.71 -5.00
CA ASN E 51 22.66 12.31 -5.11
C ASN E 51 22.03 11.89 -3.79
N VAL E 52 22.28 12.67 -2.74
CA VAL E 52 21.55 12.55 -1.47
C VAL E 52 20.87 13.89 -1.26
N ASN E 53 19.57 13.98 -1.49
CA ASN E 53 18.93 15.27 -1.35
C ASN E 53 18.64 15.56 0.13
N ALA E 54 18.13 16.76 0.39
CA ALA E 54 17.93 17.23 1.76
C ALA E 54 16.94 16.37 2.51
N ALA E 55 15.83 16.01 1.86
CA ALA E 55 14.83 15.19 2.52
C ALA E 55 15.43 13.85 2.96
N ILE E 56 16.26 13.25 2.10
CA ILE E 56 16.85 11.96 2.43
C ILE E 56 17.96 12.15 3.45
N LEU E 57 18.74 13.22 3.29
CA LEU E 57 19.81 13.51 4.22
C LEU E 57 19.28 13.73 5.63
N LYS E 58 18.08 14.31 5.75
CA LYS E 58 17.44 14.47 7.05
C LYS E 58 17.19 13.12 7.70
N LYS E 59 16.67 12.16 6.94
CA LYS E 59 16.49 10.81 7.46
C LYS E 59 17.82 10.22 7.90
N VAL E 60 18.85 10.38 7.06
CA VAL E 60 20.15 9.78 7.33
C VAL E 60 20.76 10.31 8.62
N ILE E 61 20.66 11.64 8.85
CA ILE E 61 21.22 12.20 10.08
C ILE E 61 20.51 11.64 11.31
N GLN E 62 19.22 11.36 11.21
CA GLN E 62 18.51 10.74 12.32
C GLN E 62 19.12 9.38 12.65
N TRP E 63 19.30 8.54 11.62
CA TRP E 63 19.83 7.21 11.87
C TRP E 63 21.25 7.26 12.40
N CYS E 64 22.07 8.17 11.86
CA CYS E 64 23.45 8.21 12.31
C CYS E 64 23.55 8.71 13.74
N THR E 65 22.62 9.60 14.14
CA THR E 65 22.60 10.09 15.50
C THR E 65 22.27 8.97 16.49
N HIS E 66 21.34 8.09 16.13
CA HIS E 66 21.02 6.96 17.00
C HIS E 66 22.19 5.98 17.10
N HIS E 67 22.95 5.80 16.02
CA HIS E 67 24.04 4.83 15.95
C HIS E 67 25.41 5.47 16.07
N LYS E 68 25.50 6.63 16.74
CA LYS E 68 26.71 7.44 16.69
C LYS E 68 27.92 6.73 17.29
N ASP E 69 27.73 5.91 18.32
CA ASP E 69 28.83 5.20 18.97
C ASP E 69 29.01 3.77 18.48
N ASP E 70 28.30 3.37 17.43
CA ASP E 70 28.49 2.04 16.90
C ASP E 70 29.90 1.91 16.32
N PRO E 71 30.56 0.77 16.51
CA PRO E 71 31.92 0.60 16.04
C PRO E 71 31.97 0.64 14.52
N PRO E 72 33.15 0.87 13.94
CA PRO E 72 33.32 0.66 12.50
C PRO E 72 32.81 -0.70 12.08
N PRO E 73 32.15 -0.79 10.93
CA PRO E 73 31.40 -2.01 10.59
C PRO E 73 32.35 -3.10 10.11
N PRO E 74 32.01 -4.37 10.37
CA PRO E 74 32.85 -5.47 9.89
C PRO E 74 32.29 -6.12 8.63
N GLU E 75 33.14 -6.80 7.87
CA GLU E 75 32.68 -7.44 6.64
C GLU E 75 31.84 -8.67 6.97
N ASP E 76 30.99 -9.05 6.02
CA ASP E 76 30.09 -10.18 6.22
C ASP E 76 30.84 -11.50 6.04
N ASP E 77 30.36 -12.53 6.73
CA ASP E 77 30.96 -13.87 6.64
C ASP E 77 30.05 -14.87 5.93
N GLU E 81 25.24 -16.78 7.06
CA GLU E 81 23.80 -17.01 6.85
C GLU E 81 23.01 -15.76 7.25
N LYS E 82 22.38 -15.13 6.26
CA LYS E 82 21.76 -13.82 6.47
C LYS E 82 20.37 -13.98 7.07
N ARG E 83 20.16 -13.34 8.22
CA ARG E 83 18.87 -13.34 8.88
C ARG E 83 18.14 -12.02 8.61
N THR E 84 16.90 -11.94 9.09
CA THR E 84 16.06 -10.76 8.93
C THR E 84 15.24 -10.49 10.17
N ASP E 85 15.23 -11.41 11.13
CA ASP E 85 14.55 -11.31 12.41
C ASP E 85 15.22 -10.37 13.40
N ASP E 86 16.34 -9.73 13.02
CA ASP E 86 17.21 -9.05 13.98
C ASP E 86 17.24 -7.54 13.79
N ILE E 87 16.16 -6.96 13.26
CA ILE E 87 16.11 -5.51 13.13
C ILE E 87 15.71 -4.92 14.47
N PRO E 88 16.57 -4.09 15.08
CA PRO E 88 16.23 -3.53 16.39
C PRO E 88 14.95 -2.71 16.32
N VAL E 89 14.27 -2.62 17.47
CA VAL E 89 12.94 -2.01 17.53
C VAL E 89 12.98 -0.58 17.03
N TRP E 90 14.01 0.17 17.40
CA TRP E 90 14.10 1.56 16.97
C TRP E 90 14.19 1.66 15.45
N ASP E 91 14.83 0.72 14.78
CA ASP E 91 14.94 0.83 13.33
C ASP E 91 13.68 0.36 12.60
N GLN E 92 12.84 -0.47 13.23
CA GLN E 92 11.58 -0.79 12.59
C GLN E 92 10.61 0.38 12.66
N GLU E 93 10.62 1.11 13.78
CA GLU E 93 9.79 2.31 13.85
C GLU E 93 10.34 3.40 12.94
N PHE E 94 11.67 3.49 12.84
CA PHE E 94 12.26 4.54 12.01
C PHE E 94 11.97 4.32 10.53
N LEU E 95 11.89 3.07 10.08
CA LEU E 95 11.68 2.79 8.67
C LEU E 95 10.22 2.63 8.28
N LYS E 96 9.28 2.90 9.20
CA LYS E 96 7.85 3.00 8.89
C LYS E 96 7.72 4.22 7.99
N VAL E 97 8.03 4.00 6.71
CA VAL E 97 8.27 5.03 5.72
C VAL E 97 7.57 4.59 4.44
N ASP E 98 7.22 5.55 3.60
CA ASP E 98 6.66 5.14 2.30
C ASP E 98 7.76 4.53 1.45
N GLN E 99 7.38 3.57 0.61
CA GLN E 99 8.38 2.66 0.07
C GLN E 99 9.35 3.37 -0.86
N GLY E 100 8.93 4.48 -1.49
CA GLY E 100 9.88 5.27 -2.25
C GLY E 100 11.05 5.74 -1.40
N THR E 101 10.75 6.35 -0.25
CA THR E 101 11.79 6.82 0.65
C THR E 101 12.62 5.65 1.18
N LEU E 102 12.01 4.47 1.30
CA LEU E 102 12.77 3.28 1.71
C LEU E 102 13.87 2.96 0.69
N PHE E 103 13.50 2.94 -0.60
CA PHE E 103 14.48 2.69 -1.64
C PHE E 103 15.50 3.80 -1.74
N GLU E 104 15.05 5.06 -1.63
CA GLU E 104 16.00 6.16 -1.63
C GLU E 104 17.00 6.04 -0.49
N LEU E 105 16.61 5.39 0.61
CA LEU E 105 17.53 5.18 1.73
C LEU E 105 18.52 4.07 1.45
N ILE E 106 18.12 3.02 0.73
CA ILE E 106 19.09 2.04 0.27
C ILE E 106 20.15 2.71 -0.58
N LEU E 107 19.71 3.55 -1.53
CA LEU E 107 20.67 4.21 -2.42
C LEU E 107 21.62 5.11 -1.63
N ALA E 108 21.09 5.92 -0.71
CA ALA E 108 21.94 6.85 0.02
C ALA E 108 22.90 6.08 0.92
N ALA E 109 22.43 5.00 1.55
CA ALA E 109 23.33 4.17 2.34
C ALA E 109 24.45 3.60 1.47
N ASN E 110 24.12 3.24 0.22
CA ASN E 110 25.17 2.77 -0.67
C ASN E 110 26.15 3.88 -1.03
N TYR E 111 25.63 5.05 -1.44
CA TYR E 111 26.50 6.13 -1.91
C TYR E 111 27.41 6.63 -0.80
N LEU E 112 26.92 6.65 0.43
CA LEU E 112 27.71 7.15 1.55
C LEU E 112 28.37 6.03 2.34
N ASP E 113 28.16 4.77 1.92
CA ASP E 113 28.84 3.63 2.52
C ASP E 113 28.54 3.54 4.03
N ILE E 114 27.26 3.41 4.34
CA ILE E 114 26.84 3.18 5.72
C ILE E 114 26.29 1.78 5.82
N LYS E 115 27.15 0.83 6.22
CA LYS E 115 26.77 -0.58 6.17
C LYS E 115 25.55 -0.84 7.05
N GLY E 116 25.51 -0.24 8.24
CA GLY E 116 24.43 -0.51 9.16
C GLY E 116 23.07 -0.14 8.59
N LEU E 117 22.99 1.00 7.88
CA LEU E 117 21.71 1.42 7.36
C LEU E 117 21.36 0.68 6.07
N LEU E 118 22.38 0.32 5.28
CA LEU E 118 22.14 -0.53 4.13
C LEU E 118 21.63 -1.91 4.54
N ASP E 119 22.06 -2.42 5.70
CA ASP E 119 21.62 -3.75 6.11
C ASP E 119 20.16 -3.73 6.54
N VAL E 120 19.81 -2.83 7.48
CA VAL E 120 18.46 -2.80 8.03
C VAL E 120 17.45 -2.52 6.93
N THR E 121 17.76 -1.58 6.05
CA THR E 121 16.79 -1.23 5.01
C THR E 121 16.55 -2.40 4.05
N CYS E 122 17.60 -3.08 3.61
CA CYS E 122 17.44 -4.21 2.72
C CYS E 122 16.70 -5.37 3.39
N LYS E 123 16.96 -5.57 4.68
CA LYS E 123 16.20 -6.57 5.45
C LYS E 123 14.71 -6.19 5.50
N THR E 124 14.42 -4.90 5.67
CA THR E 124 13.03 -4.45 5.72
C THR E 124 12.30 -4.77 4.43
N VAL E 125 12.91 -4.44 3.29
CA VAL E 125 12.30 -4.81 2.01
C VAL E 125 12.12 -6.31 1.93
N ALA E 126 13.10 -7.08 2.43
CA ALA E 126 13.00 -8.54 2.37
C ALA E 126 11.85 -9.08 3.20
N ASN E 127 11.54 -8.43 4.33
CA ASN E 127 10.40 -8.86 5.13
C ASN E 127 9.08 -8.57 4.45
N MET E 128 9.02 -7.61 3.54
CA MET E 128 7.83 -7.37 2.75
C MET E 128 7.66 -8.41 1.64
N ILE E 129 8.61 -9.33 1.50
CA ILE E 129 8.53 -10.40 0.52
C ILE E 129 8.35 -11.77 1.19
N LYS E 130 9.04 -12.00 2.31
CA LYS E 130 9.09 -13.31 2.97
C LYS E 130 7.71 -13.85 3.30
N GLY E 131 7.27 -14.89 2.60
CA GLY E 131 6.02 -15.56 2.88
C GLY E 131 4.89 -15.22 1.96
N LYS E 132 4.95 -14.07 1.29
CA LYS E 132 3.89 -13.63 0.39
C LYS E 132 3.90 -14.45 -0.90
N THR E 133 2.96 -14.15 -1.78
CA THR E 133 2.78 -14.84 -3.04
C THR E 133 3.00 -13.88 -4.19
N PRO E 134 3.23 -14.39 -5.41
CA PRO E 134 3.52 -13.49 -6.53
C PRO E 134 2.47 -12.40 -6.71
N GLU E 135 1.19 -12.70 -6.49
CA GLU E 135 0.16 -11.68 -6.57
C GLU E 135 0.32 -10.64 -5.47
N GLU E 136 0.52 -11.10 -4.23
CA GLU E 136 0.68 -10.16 -3.12
C GLU E 136 1.96 -9.34 -3.24
N ILE E 137 2.99 -9.86 -3.91
CA ILE E 137 4.24 -9.12 -4.05
C ILE E 137 4.09 -7.97 -5.05
N ARG E 138 3.42 -8.23 -6.18
CA ARG E 138 3.27 -7.18 -7.19
C ARG E 138 2.46 -6.01 -6.66
N LYS E 139 1.40 -6.28 -5.91
CA LYS E 139 0.63 -5.19 -5.34
C LYS E 139 1.44 -4.39 -4.34
N THR E 140 2.52 -4.96 -3.79
CA THR E 140 3.31 -4.22 -2.82
C THR E 140 4.25 -3.23 -3.49
N PHE E 141 4.86 -3.61 -4.61
CA PHE E 141 5.73 -2.72 -5.37
C PHE E 141 5.18 -2.34 -6.73
N ASN E 142 3.89 -2.47 -6.94
CA ASN E 142 3.20 -2.12 -8.20
C ASN E 142 4.05 -2.48 -9.42
N ILE E 143 4.35 -3.77 -9.54
CA ILE E 143 5.07 -4.31 -10.68
C ILE E 143 4.08 -5.03 -11.57
N LYS E 144 4.06 -4.69 -12.86
CA LYS E 144 3.14 -5.32 -13.77
C LYS E 144 3.62 -6.72 -14.11
N ASN E 145 2.66 -7.62 -14.33
CA ASN E 145 2.96 -9.01 -14.64
C ASN E 145 3.31 -9.09 -16.12
N ASP E 146 4.58 -9.38 -16.42
CA ASP E 146 5.07 -9.47 -17.79
C ASP E 146 4.92 -10.87 -18.38
N PHE E 147 4.08 -11.71 -17.79
CA PHE E 147 3.91 -13.09 -18.23
C PHE E 147 2.53 -13.30 -18.86
N THR E 148 2.45 -14.31 -19.72
CA THR E 148 1.17 -14.89 -20.09
C THR E 148 0.78 -15.94 -19.06
N GLU E 149 -0.46 -16.43 -19.16
CA GLU E 149 -0.92 -17.45 -18.23
C GLU E 149 -0.14 -18.75 -18.40
N GLU E 150 0.22 -19.09 -19.64
CA GLU E 150 0.98 -20.31 -19.88
C GLU E 150 2.43 -20.16 -19.43
N GLU E 151 2.99 -18.96 -19.56
CA GLU E 151 4.40 -18.78 -19.19
C GLU E 151 4.61 -18.96 -17.69
N GLU E 152 3.75 -18.34 -16.87
CA GLU E 152 3.91 -18.44 -15.42
C GLU E 152 3.78 -19.87 -14.93
N ALA E 153 2.81 -20.61 -15.47
CA ALA E 153 2.65 -22.02 -15.08
C ALA E 153 3.86 -22.85 -15.45
N GLN E 154 4.58 -22.44 -16.49
CA GLN E 154 5.77 -23.18 -16.91
C GLN E 154 6.88 -23.07 -15.88
N VAL E 155 7.08 -21.87 -15.33
CA VAL E 155 8.10 -21.69 -14.31
C VAL E 155 7.68 -22.34 -12.99
N ARG E 156 6.38 -22.29 -12.67
CA ARG E 156 5.90 -22.94 -11.46
C ARG E 156 6.16 -24.43 -11.49
N LYS E 157 6.06 -25.06 -12.66
CA LYS E 157 6.32 -26.50 -12.77
C LYS E 157 7.81 -26.80 -12.68
N GLU E 158 8.64 -26.02 -13.38
CA GLU E 158 10.08 -26.28 -13.40
C GLU E 158 10.70 -26.10 -12.03
N ASN E 159 10.21 -25.14 -11.26
CA ASN E 159 10.71 -24.79 -9.91
C ASN E 159 9.86 -25.45 -8.83
N GLN E 160 9.58 -26.75 -8.99
CA GLN E 160 8.77 -27.49 -8.04
C GLN E 160 9.57 -27.94 -6.82
N TRP E 161 10.88 -28.14 -6.96
CA TRP E 161 11.67 -28.69 -5.86
C TRP E 161 11.67 -27.77 -4.65
N CYS E 162 11.69 -26.45 -4.87
CA CYS E 162 11.60 -25.55 -3.73
C CYS E 162 10.25 -25.75 -3.03
N GLU E 163 9.18 -25.34 -3.71
CA GLU E 163 7.83 -25.50 -3.18
C GLU E 163 6.82 -25.65 -4.32
N VAL F 7 10.71 2.18 -11.97
CA VAL F 7 12.11 1.89 -12.30
C VAL F 7 12.70 0.97 -11.24
N MET F 8 13.22 -0.18 -11.66
CA MET F 8 13.86 -1.13 -10.77
C MET F 8 15.32 -1.30 -11.15
N HIS F 9 16.20 -1.25 -10.15
CA HIS F 9 17.63 -1.43 -10.34
C HIS F 9 18.03 -2.80 -9.80
N ARG F 10 18.89 -3.50 -10.55
CA ARG F 10 19.14 -4.91 -10.23
C ARG F 10 19.98 -5.06 -8.97
N GLU F 11 20.99 -4.22 -8.79
CA GLU F 11 21.87 -4.38 -7.62
C GLU F 11 21.13 -4.12 -6.32
N VAL F 12 20.09 -3.27 -6.34
CA VAL F 12 19.28 -3.09 -5.15
C VAL F 12 18.50 -4.37 -4.84
N TRP F 13 17.86 -4.94 -5.86
CA TRP F 13 17.04 -6.12 -5.62
C TRP F 13 17.89 -7.35 -5.32
N MET F 14 19.13 -7.42 -5.85
CA MET F 14 19.98 -8.55 -5.49
C MET F 14 20.46 -8.49 -4.07
N ALA F 15 20.67 -7.28 -3.53
CA ALA F 15 20.95 -7.17 -2.11
C ALA F 15 19.78 -7.69 -1.30
N VAL F 16 18.56 -7.37 -1.74
CA VAL F 16 17.38 -7.84 -1.03
C VAL F 16 17.20 -9.33 -1.23
N PHE F 17 17.41 -9.82 -2.45
CA PHE F 17 17.25 -11.25 -2.71
C PHE F 17 18.19 -12.09 -1.88
N SER F 18 19.34 -11.55 -1.49
CA SER F 18 20.35 -12.30 -0.73
C SER F 18 19.92 -12.57 0.71
N TYR F 19 18.78 -12.05 1.16
CA TYR F 19 18.26 -12.35 2.49
C TYR F 19 17.15 -13.39 2.47
N LEU F 20 16.93 -14.05 1.33
CA LEU F 20 15.77 -14.90 1.14
C LEU F 20 16.14 -16.37 1.04
N SER F 21 15.32 -17.21 1.67
CA SER F 21 15.48 -18.65 1.59
C SER F 21 15.24 -19.14 0.17
N HIS F 22 15.52 -20.43 -0.04
CA HIS F 22 15.31 -21.01 -1.37
C HIS F 22 13.84 -20.97 -1.76
N GLN F 23 12.94 -21.21 -0.80
CA GLN F 23 11.51 -21.18 -1.11
C GLN F 23 11.01 -19.76 -1.36
N ASP F 24 11.55 -18.78 -0.63
CA ASP F 24 11.23 -17.39 -0.94
C ASP F 24 11.70 -17.02 -2.33
N LEU F 25 12.92 -17.41 -2.69
CA LEU F 25 13.41 -17.15 -4.04
C LEU F 25 12.57 -17.82 -5.11
N CYS F 26 11.96 -18.97 -4.81
CA CYS F 26 11.14 -19.66 -5.82
C CYS F 26 9.98 -18.80 -6.27
N VAL F 27 9.37 -18.06 -5.36
CA VAL F 27 8.19 -17.27 -5.72
C VAL F 27 8.60 -16.02 -6.51
N CYS F 28 9.79 -15.48 -6.26
CA CYS F 28 10.14 -14.24 -6.94
C CYS F 28 10.48 -14.45 -8.41
N MET F 29 10.78 -15.68 -8.83
CA MET F 29 10.97 -15.87 -10.26
C MET F 29 9.63 -15.96 -11.00
N ARG F 30 8.52 -15.85 -10.29
CA ARG F 30 7.21 -15.78 -10.90
C ARG F 30 6.60 -14.39 -10.81
N VAL F 31 7.30 -13.42 -10.22
CA VAL F 31 6.75 -12.07 -10.10
C VAL F 31 6.73 -11.37 -11.45
N CYS F 32 7.87 -11.40 -12.16
CA CYS F 32 7.94 -10.81 -13.49
C CYS F 32 9.10 -11.44 -14.24
N ARG F 33 9.16 -11.16 -15.54
CA ARG F 33 10.20 -11.75 -16.37
C ARG F 33 11.57 -11.25 -15.96
N THR F 34 11.67 -9.98 -15.58
CA THR F 34 12.94 -9.40 -15.19
C THR F 34 13.41 -9.95 -13.84
N TRP F 35 12.49 -10.20 -12.92
CA TRP F 35 12.87 -10.85 -11.67
C TRP F 35 13.33 -12.29 -11.92
N ASN F 36 12.66 -12.99 -12.84
CA ASN F 36 13.03 -14.36 -13.18
C ASN F 36 14.46 -14.43 -13.73
N ARG F 37 14.84 -13.46 -14.58
CA ARG F 37 16.19 -13.46 -15.11
C ARG F 37 17.20 -13.17 -14.00
N TRP F 38 16.87 -12.26 -13.08
CA TRP F 38 17.79 -11.86 -12.03
C TRP F 38 18.08 -13.00 -11.06
N CYS F 39 17.13 -13.91 -10.88
CA CYS F 39 17.30 -14.99 -9.93
C CYS F 39 18.03 -16.19 -10.52
N CYS F 40 18.45 -16.10 -11.78
CA CYS F 40 19.29 -17.13 -12.36
C CYS F 40 20.76 -16.85 -12.13
N ASP F 41 21.09 -16.02 -11.14
CA ASP F 41 22.46 -15.82 -10.69
C ASP F 41 22.75 -16.86 -9.60
N LYS F 42 23.75 -17.71 -9.86
CA LYS F 42 24.02 -18.83 -8.97
C LYS F 42 24.53 -18.37 -7.60
N ARG F 43 25.05 -17.15 -7.48
CA ARG F 43 25.56 -16.68 -6.20
C ARG F 43 24.46 -16.48 -5.16
N LEU F 44 23.17 -16.52 -5.55
CA LEU F 44 22.12 -16.39 -4.55
C LEU F 44 21.82 -17.72 -3.86
N TRP F 45 21.87 -18.83 -4.60
CA TRP F 45 21.52 -20.13 -4.05
C TRP F 45 22.67 -20.80 -3.30
N THR F 46 23.79 -20.12 -3.11
CA THR F 46 24.87 -20.65 -2.31
C THR F 46 24.48 -20.63 -0.83
#